data_4DPV
#
_entry.id   4DPV
#
_cell.length_a   263.210
_cell.length_b   349.010
_cell.length_c   267.320
_cell.angle_alpha   90.00
_cell.angle_beta   90.82
_cell.angle_gamma   90.00
#
_symmetry.space_group_name_H-M   'P 1 21 1'
#
loop_
_entity.id
_entity.type
_entity.pdbx_description
1 polymer "DNA (5'-D(*AP*TP*AP*CP*CP*TP*CP*TP*TP*GP*C)-3')"
2 polymer 'PROTEIN (PARVOVIRUS COAT PROTEIN)'
3 non-polymer 'MAGNESIUM ION'
#
loop_
_entity_poly.entity_id
_entity_poly.type
_entity_poly.pdbx_seq_one_letter_code
_entity_poly.pdbx_strand_id
1 'polydeoxyribonucleotide' (DA)(DT)(DA)(DC)(DC)(DT)(DC)(DT)(DT)(DG)(DC) N
2 'polypeptide(L)'
;MSDGAVQPDGGQPAVRNERATGSGNGSGGGGGGGSGGVGISTGTFNNQTEFKFLENGWVEITANSSRLVHLNMPESENYR
RVVVNNMDKTAVNGNMALDDIHAQIVTPWSLVDANAWGVWFNPGDWQLIVNTMSELHLVSFEQEIFNVVLKTVSESATQP
PTKVYNNDLTASLMVALDSNNTMPFTPAAMRSETLGFYPWKPTIPTPWRYYFQWDRTLIPSHTGTSGTPTNIYHGTDPDD
VQFYTIENSVPVHLLRTGDEFATGTFFFDCKPCRLTHTWQTNRALGLPPFLNSLPQSEGATNFGDIGVQQDKRRGVTQMG
NTNYITEATIMRPAEVGYSAPYYSFEASTQGPFKTPIAAGRGGAQTDENQAADGNPRYAFGRQHGQKTTTTGETPERFTY
IAHQDTGRYPEGDWIQNINFNLPVTNDNVLLPTDPIGGKTGINYTNIFNTYGPLTALNNVPPVYPNGQIWDKEFDTDLKP
RLHVNAPFVCQNNCPGQLFVKVAPNLTNEYDPDASANMSRIVTYSDFWWKGKLVFKAKLRASHTWNPIQQMSINVDNQFN
YVPSNIGGMKIVYEKSQLAPRKLY
;
Z
#
# COMPACT_ATOMS: atom_id res chain seq x y z
N GLY B 22 -20.44 -45.56 -1.32
CA GLY B 22 -19.57 -45.93 -2.48
C GLY B 22 -20.13 -45.49 -3.91
N SER B 23 -21.20 -44.58 -3.86
CA SER B 23 -21.86 -43.92 -5.05
C SER B 23 -21.08 -42.61 -5.54
N GLY B 24 -21.37 -42.28 -6.89
CA GLY B 24 -20.85 -41.08 -7.65
C GLY B 24 -21.79 -39.80 -7.61
N ASN B 25 -23.02 -40.02 -6.87
CA ASN B 25 -24.17 -39.18 -6.30
C ASN B 25 -25.56 -39.44 -7.03
N GLY B 26 -25.31 -39.93 -8.27
CA GLY B 26 -25.94 -39.68 -9.49
C GLY B 26 -25.15 -38.50 -10.16
N SER B 27 -25.13 -38.63 -11.49
CA SER B 27 -24.64 -37.55 -12.31
C SER B 27 -25.91 -36.91 -12.85
N GLY B 28 -26.02 -35.61 -12.66
CA GLY B 28 -27.27 -34.99 -13.03
C GLY B 28 -27.31 -34.21 -14.34
N GLY B 29 -28.52 -34.08 -14.88
CA GLY B 29 -28.61 -33.69 -16.24
C GLY B 29 -28.94 -32.27 -16.56
N GLY B 30 -28.22 -31.79 -17.52
CA GLY B 30 -28.20 -30.41 -17.89
C GLY B 30 -29.11 -29.94 -18.99
N GLY B 31 -29.96 -28.94 -18.41
CA GLY B 31 -30.92 -28.01 -19.07
C GLY B 31 -30.16 -26.81 -19.65
N GLY B 32 -30.75 -26.20 -20.70
CA GLY B 32 -29.94 -25.16 -21.33
C GLY B 32 -30.68 -23.89 -21.77
N GLY B 33 -30.23 -22.75 -21.08
CA GLY B 33 -30.53 -21.34 -21.48
C GLY B 33 -29.32 -20.74 -22.33
N GLY B 34 -29.55 -19.41 -22.81
CA GLY B 34 -28.65 -18.54 -23.69
C GLY B 34 -27.25 -18.05 -23.09
N SER B 35 -27.28 -17.71 -21.72
CA SER B 35 -26.07 -17.39 -20.89
C SER B 35 -25.58 -18.54 -19.88
N GLY B 36 -26.13 -19.86 -19.98
CA GLY B 36 -25.61 -20.98 -19.09
C GLY B 36 -26.40 -22.34 -19.01
N GLY B 37 -25.75 -23.27 -18.21
CA GLY B 37 -26.22 -24.67 -17.92
C GLY B 37 -25.14 -25.50 -17.11
N VAL B 38 -25.44 -26.78 -16.84
CA VAL B 38 -24.58 -27.71 -16.03
C VAL B 38 -23.23 -27.96 -16.70
N GLY B 39 -23.29 -28.37 -17.94
CA GLY B 39 -22.08 -28.63 -18.71
C GLY B 39 -21.81 -27.51 -19.73
N ILE B 40 -22.10 -26.27 -19.36
CA ILE B 40 -21.80 -25.12 -20.26
C ILE B 40 -20.92 -24.13 -19.49
N SER B 41 -19.78 -23.77 -20.09
CA SER B 41 -18.84 -22.77 -19.50
C SER B 41 -19.48 -21.41 -19.65
N THR B 42 -19.21 -20.57 -18.69
CA THR B 42 -19.82 -19.24 -18.66
C THR B 42 -18.80 -18.14 -18.72
N GLY B 43 -17.56 -18.49 -19.01
CA GLY B 43 -16.56 -17.43 -19.02
C GLY B 43 -15.33 -17.68 -19.88
N THR B 44 -14.45 -16.70 -19.91
CA THR B 44 -13.29 -16.92 -20.70
C THR B 44 -12.09 -16.42 -20.00
N PHE B 45 -11.07 -17.21 -20.02
CA PHE B 45 -9.91 -16.86 -19.27
C PHE B 45 -9.04 -15.92 -20.00
N ASN B 46 -8.65 -14.87 -19.34
CA ASN B 46 -7.76 -13.97 -20.01
C ASN B 46 -6.94 -13.18 -19.05
N ASN B 47 -5.66 -13.28 -19.19
CA ASN B 47 -4.84 -12.51 -18.30
C ASN B 47 -3.72 -11.95 -19.13
N GLN B 48 -4.08 -11.04 -19.95
CA GLN B 48 -3.19 -10.58 -20.97
C GLN B 48 -3.18 -9.10 -20.94
N THR B 49 -2.08 -8.52 -21.33
CA THR B 49 -2.03 -7.08 -21.20
C THR B 49 -1.88 -6.37 -22.50
N GLU B 50 -2.70 -5.35 -22.71
CA GLU B 50 -2.73 -4.64 -23.95
C GLU B 50 -2.30 -3.23 -23.86
N PHE B 51 -1.46 -2.86 -24.80
CA PHE B 51 -1.03 -1.51 -24.97
C PHE B 51 -1.50 -1.01 -26.29
N LYS B 52 -2.21 0.08 -26.24
CA LYS B 52 -2.73 0.58 -27.46
C LYS B 52 -2.38 2.02 -27.62
N PHE B 53 -1.56 2.23 -28.61
CA PHE B 53 -1.02 3.52 -28.88
C PHE B 53 -1.95 4.39 -29.63
N LEU B 54 -2.10 5.58 -29.10
CA LEU B 54 -2.92 6.58 -29.72
C LEU B 54 -2.12 7.71 -30.28
N GLU B 55 -2.84 8.67 -30.82
CA GLU B 55 -2.28 9.88 -31.35
C GLU B 55 -1.71 10.68 -30.24
N ASN B 56 -0.64 11.38 -30.55
CA ASN B 56 -0.07 12.24 -29.55
C ASN B 56 0.53 11.55 -28.39
N GLY B 57 0.85 10.29 -28.54
CA GLY B 57 1.56 9.65 -27.46
C GLY B 57 0.73 9.41 -26.23
N TRP B 58 -0.47 8.98 -26.46
CA TRP B 58 -1.18 8.57 -25.32
C TRP B 58 -1.35 7.10 -25.44
N VAL B 59 -1.38 6.41 -24.33
CA VAL B 59 -1.57 5.04 -24.49
C VAL B 59 -2.67 4.54 -23.64
N GLU B 60 -3.31 3.53 -24.13
CA GLU B 60 -4.38 3.00 -23.36
C GLU B 60 -3.97 1.65 -22.94
N ILE B 61 -3.77 1.53 -21.68
CA ILE B 61 -3.33 0.28 -21.20
C ILE B 61 -4.44 -0.45 -20.55
N THR B 62 -4.63 -1.60 -21.13
CA THR B 62 -5.68 -2.42 -20.67
C THR B 62 -5.11 -3.64 -20.07
N ALA B 63 -5.40 -3.88 -18.83
CA ALA B 63 -4.83 -5.05 -18.24
C ALA B 63 -5.86 -6.01 -17.72
N ASN B 64 -5.79 -7.17 -18.29
CA ASN B 64 -6.69 -8.22 -17.96
C ASN B 64 -6.03 -9.13 -17.00
N SER B 65 -6.83 -9.82 -16.23
CA SER B 65 -6.24 -10.71 -15.27
C SER B 65 -7.24 -11.68 -14.76
N SER B 66 -6.83 -12.92 -14.68
CA SER B 66 -7.76 -13.90 -14.24
C SER B 66 -7.19 -14.86 -13.25
N ARG B 67 -8.04 -15.44 -12.44
CA ARG B 67 -7.53 -16.41 -11.51
C ARG B 67 -8.53 -17.46 -11.17
N LEU B 68 -7.99 -18.58 -10.75
CA LEU B 68 -8.85 -19.58 -10.26
C LEU B 68 -8.91 -19.40 -8.77
N VAL B 69 -10.09 -19.16 -8.26
CA VAL B 69 -10.17 -18.94 -6.86
C VAL B 69 -10.83 -20.07 -6.14
N HIS B 70 -10.26 -20.36 -4.98
CA HIS B 70 -10.75 -21.45 -4.17
C HIS B 70 -11.23 -20.98 -2.84
N LEU B 71 -12.31 -21.56 -2.39
CA LEU B 71 -12.87 -21.08 -1.17
C LEU B 71 -13.65 -22.11 -0.42
N ASN B 72 -13.43 -22.21 0.89
CA ASN B 72 -14.07 -23.15 1.80
C ASN B 72 -15.23 -22.57 2.54
N MET B 73 -16.09 -23.39 3.11
CA MET B 73 -17.14 -22.77 3.91
C MET B 73 -16.60 -22.18 5.17
N PRO B 74 -17.22 -21.14 5.65
CA PRO B 74 -16.75 -20.45 6.83
C PRO B 74 -16.73 -21.39 8.01
N GLU B 75 -16.01 -21.00 9.06
CA GLU B 75 -15.89 -21.73 10.29
C GLU B 75 -17.23 -21.82 10.92
N SER B 76 -18.00 -20.79 10.73
CA SER B 76 -19.26 -20.74 11.39
C SER B 76 -20.09 -19.66 10.78
N GLU B 77 -21.36 -19.92 10.70
CA GLU B 77 -22.19 -18.97 10.03
C GLU B 77 -22.57 -17.87 10.95
N ASN B 78 -21.66 -17.37 11.72
CA ASN B 78 -22.09 -16.31 12.60
C ASN B 78 -21.22 -15.13 12.53
N TYR B 79 -21.79 -14.02 12.96
CA TYR B 79 -20.97 -12.85 13.10
C TYR B 79 -20.58 -12.84 14.53
N ARG B 80 -19.33 -12.54 14.80
CA ARG B 80 -18.85 -12.49 16.16
C ARG B 80 -18.19 -11.17 16.46
N ARG B 81 -18.26 -10.86 17.74
CA ARG B 81 -17.61 -9.67 18.18
C ARG B 81 -16.51 -10.01 19.12
N VAL B 82 -15.30 -9.90 18.65
CA VAL B 82 -14.18 -10.29 19.44
C VAL B 82 -13.26 -9.19 19.88
N VAL B 83 -12.67 -9.36 21.06
CA VAL B 83 -11.67 -8.44 21.55
C VAL B 83 -10.32 -9.09 21.58
N VAL B 84 -9.33 -8.35 21.21
CA VAL B 84 -8.00 -8.89 21.22
C VAL B 84 -7.20 -8.23 22.29
N ASN B 85 -6.45 -9.03 23.08
CA ASN B 85 -5.72 -8.46 24.22
C ASN B 85 -4.30 -8.94 24.52
N ASN B 86 -3.30 -8.25 23.99
CA ASN B 86 -1.94 -8.66 24.29
C ASN B 86 -1.36 -7.86 25.43
N MET B 87 -2.23 -7.51 26.36
CA MET B 87 -1.86 -6.75 27.54
C MET B 87 -0.49 -7.14 28.06
N ASP B 88 -0.33 -8.44 28.24
CA ASP B 88 0.91 -9.01 28.74
C ASP B 88 2.15 -8.45 28.05
N LYS B 89 2.10 -8.41 26.75
CA LYS B 89 3.26 -7.96 26.06
C LYS B 89 3.55 -6.51 26.39
N THR B 90 2.53 -5.69 26.42
CA THR B 90 2.77 -4.28 26.68
C THR B 90 3.05 -4.06 28.12
N ALA B 91 2.54 -4.99 28.91
CA ALA B 91 2.67 -4.92 30.36
C ALA B 91 4.14 -4.68 30.76
N VAL B 92 5.00 -5.06 29.80
CA VAL B 92 6.44 -5.01 29.92
C VAL B 92 7.10 -3.73 30.38
N ASN B 93 6.72 -2.56 29.84
CA ASN B 93 7.34 -1.28 30.20
C ASN B 93 8.47 -0.98 29.25
N GLY B 94 8.17 -0.15 28.26
CA GLY B 94 9.14 0.16 27.23
C GLY B 94 8.70 -0.57 25.98
N ASN B 95 7.61 -1.34 26.11
CA ASN B 95 7.07 -2.03 24.97
C ASN B 95 5.78 -1.38 24.50
N MET B 96 5.75 -0.07 24.48
CA MET B 96 4.50 0.55 24.12
C MET B 96 4.14 0.20 22.71
N ALA B 97 5.11 0.41 21.87
CA ALA B 97 4.90 0.14 20.47
C ALA B 97 4.34 -1.24 20.25
N LEU B 98 4.46 -2.11 21.19
CA LEU B 98 4.02 -3.39 20.82
C LEU B 98 2.55 -3.66 20.94
N ASP B 99 1.82 -2.67 21.44
CA ASP B 99 0.38 -2.81 21.65
C ASP B 99 -0.43 -3.29 20.48
N ASP B 100 -1.20 -4.35 20.65
CA ASP B 100 -2.04 -4.80 19.55
C ASP B 100 -3.50 -4.76 19.92
N ILE B 101 -3.86 -4.06 20.95
CA ILE B 101 -5.25 -4.20 21.33
C ILE B 101 -6.28 -3.63 20.39
N HIS B 102 -7.44 -4.26 20.27
CA HIS B 102 -8.47 -3.68 19.44
C HIS B 102 -9.67 -4.56 19.39
N ALA B 103 -10.79 -4.04 18.93
CA ALA B 103 -12.00 -4.88 18.76
C ALA B 103 -12.34 -5.11 17.29
N GLN B 104 -13.12 -6.13 16.97
CA GLN B 104 -13.43 -6.33 15.59
C GLN B 104 -14.59 -7.24 15.37
N ILE B 105 -15.34 -6.96 14.33
CA ILE B 105 -16.39 -7.84 14.01
C ILE B 105 -15.86 -8.87 13.07
N VAL B 106 -16.29 -10.09 13.26
CA VAL B 106 -15.83 -11.12 12.37
C VAL B 106 -16.95 -11.72 11.59
N THR B 107 -16.86 -11.69 10.28
CA THR B 107 -17.94 -12.25 9.51
C THR B 107 -17.64 -13.58 8.94
N PRO B 108 -18.65 -14.11 8.40
CA PRO B 108 -18.58 -15.35 7.72
C PRO B 108 -18.30 -15.06 6.28
N TRP B 109 -18.20 -13.82 5.93
CA TRP B 109 -17.94 -13.63 4.56
C TRP B 109 -16.47 -13.50 4.24
N SER B 110 -16.18 -13.68 2.97
CA SER B 110 -14.82 -13.50 2.55
C SER B 110 -14.76 -12.44 1.52
N LEU B 111 -13.61 -11.79 1.49
CA LEU B 111 -13.44 -10.68 0.61
C LEU B 111 -12.50 -10.94 -0.52
N VAL B 112 -12.91 -10.47 -1.68
CA VAL B 112 -12.06 -10.63 -2.83
C VAL B 112 -11.41 -9.33 -3.13
N ASP B 113 -10.16 -9.19 -2.79
CA ASP B 113 -9.55 -7.91 -3.06
C ASP B 113 -8.51 -8.05 -4.11
N ALA B 114 -8.43 -7.08 -5.00
CA ALA B 114 -7.48 -7.23 -6.06
C ALA B 114 -6.64 -6.01 -6.26
N ASN B 115 -6.81 -5.11 -5.34
CA ASN B 115 -6.12 -3.85 -5.39
C ASN B 115 -4.66 -3.99 -5.13
N ALA B 116 -3.84 -4.30 -6.11
CA ALA B 116 -2.40 -4.35 -5.90
C ALA B 116 -1.62 -4.58 -7.18
N TRP B 117 -0.61 -3.76 -7.36
CA TRP B 117 0.11 -3.79 -8.59
C TRP B 117 0.34 -5.16 -9.16
N GLY B 118 0.82 -6.02 -8.33
CA GLY B 118 1.14 -7.33 -8.83
C GLY B 118 -0.03 -8.09 -9.44
N VAL B 119 -1.23 -7.76 -9.08
CA VAL B 119 -2.24 -8.59 -9.65
C VAL B 119 -2.36 -8.38 -11.12
N TRP B 120 -1.99 -7.19 -11.46
CA TRP B 120 -2.21 -6.84 -12.81
C TRP B 120 -1.03 -6.88 -13.70
N PHE B 121 0.13 -6.60 -13.22
CA PHE B 121 1.17 -6.63 -14.23
C PHE B 121 2.30 -7.54 -13.92
N ASN B 122 2.96 -7.98 -14.96
CA ASN B 122 4.13 -8.72 -14.66
C ASN B 122 5.24 -7.72 -14.81
N PRO B 123 6.41 -8.20 -14.66
CA PRO B 123 7.55 -7.34 -14.74
C PRO B 123 7.71 -6.77 -16.09
N GLY B 124 7.71 -7.64 -17.05
CA GLY B 124 7.88 -7.18 -18.40
C GLY B 124 7.04 -5.93 -18.59
N ASP B 125 5.85 -6.00 -18.06
CA ASP B 125 5.00 -4.89 -18.26
C ASP B 125 5.51 -3.67 -17.57
N TRP B 126 5.71 -3.89 -16.32
CA TRP B 126 6.16 -2.82 -15.52
C TRP B 126 7.28 -2.11 -16.17
N GLN B 127 8.15 -2.90 -16.70
CA GLN B 127 9.30 -2.32 -17.31
C GLN B 127 8.93 -1.27 -18.29
N LEU B 128 8.11 -1.71 -19.17
CA LEU B 128 7.74 -0.89 -20.23
C LEU B 128 7.22 0.39 -19.74
N ILE B 129 6.21 0.25 -18.97
CA ILE B 129 5.56 1.39 -18.49
C ILE B 129 6.48 2.42 -17.98
N VAL B 130 7.27 1.89 -17.11
CA VAL B 130 8.15 2.71 -16.41
C VAL B 130 9.26 3.28 -17.22
N ASN B 131 9.65 2.60 -18.25
CA ASN B 131 10.73 3.21 -18.94
C ASN B 131 10.25 4.16 -19.97
N THR B 132 9.07 3.95 -20.48
CA THR B 132 8.73 4.80 -21.59
C THR B 132 7.68 5.81 -21.25
N MET B 133 7.10 5.69 -20.09
CA MET B 133 6.16 6.71 -19.85
C MET B 133 6.40 7.74 -18.83
N SER B 134 5.52 8.72 -18.81
CA SER B 134 5.84 9.84 -17.98
C SER B 134 4.80 10.14 -16.98
N GLU B 135 3.63 9.61 -17.22
CA GLU B 135 2.61 9.79 -16.24
C GLU B 135 1.50 8.84 -16.49
N LEU B 136 0.80 8.50 -15.48
CA LEU B 136 -0.15 7.49 -15.66
C LEU B 136 -1.46 7.81 -15.03
N HIS B 137 -2.56 7.49 -15.71
CA HIS B 137 -3.87 7.75 -15.18
C HIS B 137 -4.65 6.49 -15.07
N LEU B 138 -5.41 6.43 -14.02
CA LEU B 138 -6.23 5.29 -13.74
C LEU B 138 -7.57 5.49 -14.35
N VAL B 139 -8.10 4.54 -15.06
CA VAL B 139 -9.32 4.82 -15.76
C VAL B 139 -10.56 4.10 -15.36
N SER B 140 -10.56 2.81 -15.49
CA SER B 140 -11.78 2.18 -15.13
C SER B 140 -11.48 0.81 -14.66
N PHE B 141 -12.50 0.10 -14.20
CA PHE B 141 -12.22 -1.22 -13.76
C PHE B 141 -13.47 -2.01 -13.63
N GLU B 142 -13.44 -3.30 -13.94
CA GLU B 142 -14.62 -4.11 -13.76
C GLU B 142 -14.21 -5.53 -13.59
N GLN B 143 -15.06 -6.35 -13.01
CA GLN B 143 -14.70 -7.72 -12.81
C GLN B 143 -15.86 -8.66 -12.96
N GLU B 144 -15.55 -9.95 -13.01
CA GLU B 144 -16.62 -10.90 -13.11
C GLU B 144 -16.22 -12.28 -12.68
N ILE B 145 -17.21 -13.08 -12.34
CA ILE B 145 -16.96 -14.39 -11.85
C ILE B 145 -17.64 -15.44 -12.64
N PHE B 146 -16.98 -16.56 -12.83
CA PHE B 146 -17.66 -17.59 -13.56
C PHE B 146 -17.12 -18.97 -13.39
N ASN B 147 -17.67 -19.83 -14.22
CA ASN B 147 -17.41 -21.23 -14.21
C ASN B 147 -17.44 -21.70 -12.79
N VAL B 148 -18.49 -21.39 -12.14
CA VAL B 148 -18.57 -21.76 -10.77
C VAL B 148 -18.71 -23.24 -10.54
N VAL B 149 -18.07 -23.68 -9.47
CA VAL B 149 -18.18 -25.07 -9.09
C VAL B 149 -18.26 -25.30 -7.62
N LEU B 150 -19.12 -26.23 -7.24
CA LEU B 150 -19.21 -26.65 -5.86
C LEU B 150 -19.17 -28.14 -5.70
N LYS B 151 -18.38 -28.56 -4.73
CA LYS B 151 -18.22 -29.96 -4.41
C LYS B 151 -18.34 -30.22 -2.93
N THR B 152 -18.64 -31.47 -2.63
CA THR B 152 -18.75 -31.88 -1.26
C THR B 152 -17.88 -33.04 -0.99
N VAL B 153 -17.29 -32.95 0.18
CA VAL B 153 -16.43 -33.99 0.64
C VAL B 153 -17.17 -34.94 1.52
N SER B 154 -16.94 -36.21 1.27
CA SER B 154 -17.50 -37.24 2.10
C SER B 154 -16.46 -38.30 2.28
N GLU B 155 -16.37 -38.79 3.52
CA GLU B 155 -15.40 -39.83 3.86
C GLU B 155 -16.06 -41.08 4.46
N PRO B 160 -11.73 -46.34 7.09
CA PRO B 160 -10.54 -45.99 6.31
C PRO B 160 -10.71 -44.70 5.50
N PRO B 161 -9.79 -43.76 5.83
CA PRO B 161 -9.80 -42.40 5.29
C PRO B 161 -9.59 -42.21 3.77
N THR B 162 -10.65 -42.58 3.05
CA THR B 162 -10.76 -42.33 1.64
C THR B 162 -11.69 -41.11 1.54
N LYS B 163 -11.12 -40.02 1.08
CA LYS B 163 -11.96 -38.87 0.94
C LYS B 163 -12.51 -38.93 -0.48
N VAL B 164 -13.79 -38.65 -0.61
CA VAL B 164 -14.35 -38.58 -1.93
C VAL B 164 -15.00 -37.26 -2.17
N TYR B 165 -14.95 -36.85 -3.43
CA TYR B 165 -15.47 -35.56 -3.72
C TYR B 165 -16.56 -35.61 -4.77
N ASN B 166 -17.71 -35.00 -4.51
CA ASN B 166 -18.72 -35.00 -5.52
C ASN B 166 -19.27 -33.65 -5.80
N ASN B 167 -19.64 -33.42 -7.03
CA ASN B 167 -20.21 -32.14 -7.21
C ASN B 167 -21.57 -32.15 -6.59
N ASP B 168 -21.94 -31.02 -6.02
CA ASP B 168 -23.28 -30.85 -5.58
C ASP B 168 -23.88 -29.91 -6.59
N LEU B 169 -24.52 -30.47 -7.58
CA LEU B 169 -25.04 -29.63 -8.61
C LEU B 169 -25.94 -28.52 -8.15
N THR B 170 -26.80 -28.74 -7.19
CA THR B 170 -27.65 -27.64 -6.94
C THR B 170 -27.23 -26.74 -5.85
N ALA B 171 -26.05 -26.88 -5.35
CA ALA B 171 -25.78 -25.95 -4.28
C ALA B 171 -25.39 -24.60 -4.81
N SER B 172 -25.27 -23.61 -3.93
CA SER B 172 -24.97 -22.29 -4.45
C SER B 172 -23.84 -21.59 -3.80
N LEU B 173 -23.32 -20.60 -4.51
CA LEU B 173 -22.31 -19.73 -4.00
C LEU B 173 -22.93 -18.37 -3.78
N MET B 174 -22.60 -17.68 -2.71
CA MET B 174 -23.19 -16.39 -2.61
C MET B 174 -22.28 -15.26 -2.95
N VAL B 175 -22.88 -14.21 -3.44
CA VAL B 175 -22.06 -13.12 -3.82
C VAL B 175 -22.75 -11.86 -3.56
N ALA B 176 -21.98 -10.94 -3.06
CA ALA B 176 -22.51 -9.63 -2.82
C ALA B 176 -21.52 -8.57 -3.12
N LEU B 177 -22.01 -7.54 -3.75
CA LEU B 177 -21.15 -6.45 -4.14
C LEU B 177 -21.62 -5.21 -3.48
N ASP B 178 -20.82 -4.59 -2.63
CA ASP B 178 -21.29 -3.43 -1.87
C ASP B 178 -21.14 -2.20 -2.66
N SER B 179 -21.95 -2.06 -3.65
CA SER B 179 -21.75 -0.90 -4.46
C SER B 179 -22.02 0.36 -3.72
N ASN B 180 -22.86 0.29 -2.71
CA ASN B 180 -23.08 1.58 -2.11
C ASN B 180 -21.93 2.01 -1.25
N ASN B 181 -21.02 1.09 -0.96
CA ASN B 181 -19.95 1.44 -0.07
C ASN B 181 -20.51 1.69 1.29
N THR B 182 -21.24 0.71 1.69
CA THR B 182 -21.82 0.89 2.95
C THR B 182 -20.93 0.29 3.97
N MET B 183 -20.31 -0.79 3.62
CA MET B 183 -19.38 -1.37 4.54
C MET B 183 -18.17 -0.48 4.66
N PRO B 184 -17.51 -0.63 5.77
CA PRO B 184 -16.29 0.05 6.08
C PRO B 184 -15.27 -0.49 5.14
N PHE B 185 -14.32 0.31 4.79
CA PHE B 185 -13.44 -0.10 3.73
C PHE B 185 -12.17 -0.72 4.25
N THR B 186 -11.85 -1.90 3.75
CA THR B 186 -10.67 -2.59 4.19
C THR B 186 -9.87 -3.12 3.08
N PRO B 187 -9.03 -2.30 2.56
CA PRO B 187 -8.11 -2.72 1.54
C PRO B 187 -7.22 -3.77 2.10
N ALA B 188 -7.10 -4.84 1.38
CA ALA B 188 -6.36 -5.94 1.92
C ALA B 188 -4.91 -5.98 1.63
N ALA B 189 -4.49 -5.08 0.83
CA ALA B 189 -3.11 -5.19 0.53
C ALA B 189 -2.23 -4.77 1.68
N MET B 190 -2.84 -4.07 2.59
CA MET B 190 -2.16 -3.52 3.70
C MET B 190 -1.73 -4.66 4.57
N ARG B 191 -2.22 -5.82 4.24
CA ARG B 191 -1.81 -6.96 4.99
C ARG B 191 -1.42 -8.10 4.10
N SER B 192 -1.18 -7.77 2.85
CA SER B 192 -0.78 -8.76 1.89
C SER B 192 -1.80 -9.87 1.79
N GLU B 193 -3.03 -9.52 1.49
CA GLU B 193 -4.02 -10.54 1.37
C GLU B 193 -4.84 -10.30 0.13
N THR B 194 -4.18 -9.89 -0.93
CA THR B 194 -4.97 -9.69 -2.10
C THR B 194 -4.89 -10.96 -2.84
N LEU B 195 -5.19 -10.92 -4.07
CA LEU B 195 -5.08 -12.20 -4.65
C LEU B 195 -3.67 -12.44 -5.00
N GLY B 196 -3.45 -13.62 -5.55
CA GLY B 196 -2.10 -13.97 -5.96
C GLY B 196 -1.60 -13.18 -7.15
N PHE B 197 -0.34 -13.34 -7.44
CA PHE B 197 0.21 -12.60 -8.53
C PHE B 197 0.53 -13.54 -9.65
N TYR B 198 0.10 -14.78 -9.56
CA TYR B 198 0.49 -15.61 -10.67
C TYR B 198 -0.71 -16.16 -11.32
N PRO B 199 -0.78 -15.95 -12.59
CA PRO B 199 -1.92 -16.32 -13.31
C PRO B 199 -1.98 -17.79 -13.33
N TRP B 200 -0.84 -18.44 -13.29
CA TRP B 200 -1.03 -19.83 -13.43
C TRP B 200 -1.18 -20.56 -12.15
N LYS B 201 -1.35 -19.85 -11.07
CA LYS B 201 -1.58 -20.65 -9.91
C LYS B 201 -2.72 -20.09 -9.12
N PRO B 202 -3.50 -20.94 -8.55
CA PRO B 202 -4.73 -20.62 -7.92
C PRO B 202 -4.53 -19.79 -6.74
N THR B 203 -5.60 -19.31 -6.17
CA THR B 203 -5.48 -18.47 -5.02
C THR B 203 -6.80 -18.35 -4.30
N ILE B 204 -6.85 -17.45 -3.32
CA ILE B 204 -8.04 -17.32 -2.53
C ILE B 204 -8.18 -15.95 -1.96
N PRO B 205 -9.39 -15.77 -1.54
CA PRO B 205 -9.96 -14.58 -0.96
C PRO B 205 -9.69 -14.63 0.47
N THR B 206 -9.90 -13.54 1.21
CA THR B 206 -9.70 -13.60 2.64
C THR B 206 -10.97 -13.38 3.37
N PRO B 207 -10.85 -13.72 4.59
CA PRO B 207 -11.98 -13.72 5.42
C PRO B 207 -12.22 -12.33 5.88
N TRP B 208 -13.43 -11.92 5.78
CA TRP B 208 -13.66 -10.56 6.10
C TRP B 208 -13.96 -10.27 7.55
N ARG B 209 -13.45 -9.14 7.95
CA ARG B 209 -13.63 -8.65 9.31
C ARG B 209 -13.51 -7.14 9.36
N TYR B 210 -14.01 -6.50 10.40
CA TYR B 210 -13.80 -5.08 10.43
C TYR B 210 -13.66 -4.51 11.80
N TYR B 211 -13.10 -3.32 11.87
CA TYR B 211 -12.92 -2.79 13.19
C TYR B 211 -14.23 -2.48 13.83
N PHE B 212 -14.24 -2.66 15.13
CA PHE B 212 -15.39 -2.37 15.94
C PHE B 212 -14.93 -1.43 17.00
N GLN B 213 -15.71 -0.46 17.38
CA GLN B 213 -15.18 0.55 18.28
C GLN B 213 -14.77 0.09 19.66
N TRP B 214 -13.78 0.78 20.22
CA TRP B 214 -13.42 0.48 21.60
C TRP B 214 -12.56 1.56 22.21
N ASP B 215 -12.77 1.87 23.50
CA ASP B 215 -11.98 2.83 24.27
C ASP B 215 -10.81 2.16 24.96
N ARG B 216 -9.69 2.86 25.04
CA ARG B 216 -8.49 2.25 25.57
C ARG B 216 -7.41 3.22 26.02
N THR B 217 -6.78 2.90 27.14
CA THR B 217 -5.75 3.77 27.66
C THR B 217 -4.46 3.04 27.89
N LEU B 218 -3.38 3.76 27.72
CA LEU B 218 -2.09 3.15 27.89
C LEU B 218 -0.96 4.18 27.97
N ILE B 219 -0.38 4.28 29.19
CA ILE B 219 0.68 5.22 29.46
C ILE B 219 2.03 4.72 29.04
N PRO B 220 2.72 5.52 28.27
CA PRO B 220 4.03 5.12 27.82
C PRO B 220 4.94 5.07 29.02
N SER B 221 5.99 4.28 28.86
CA SER B 221 6.98 4.04 29.91
C SER B 221 8.34 3.63 29.32
N HIS B 222 9.34 3.42 30.18
CA HIS B 222 10.63 2.91 29.72
C HIS B 222 11.14 1.80 30.62
N THR B 223 12.25 1.18 30.20
CA THR B 223 12.87 0.08 30.94
C THR B 223 12.98 0.44 32.41
N GLY B 224 13.61 1.61 32.59
CA GLY B 224 13.90 2.24 33.89
C GLY B 224 12.65 2.64 34.73
N THR B 225 11.44 2.65 34.07
CA THR B 225 10.13 2.99 34.65
C THR B 225 9.62 2.06 35.80
N SER B 226 9.37 2.76 36.96
CA SER B 226 8.90 2.25 38.28
C SER B 226 7.36 1.98 38.34
N GLY B 227 6.98 0.73 38.79
CA GLY B 227 5.56 0.32 38.95
C GLY B 227 4.83 -0.17 37.68
N THR B 228 3.50 0.17 37.63
CA THR B 228 2.60 -0.22 36.53
C THR B 228 1.77 0.95 35.99
N PRO B 229 2.27 1.49 34.89
CA PRO B 229 1.59 2.57 34.21
C PRO B 229 0.23 2.05 33.78
N THR B 230 -0.77 2.89 34.00
CA THR B 230 -2.11 2.51 33.63
C THR B 230 -2.15 1.93 32.23
N ASN B 231 -2.86 0.84 32.10
CA ASN B 231 -2.86 0.12 30.85
C ASN B 231 -4.13 -0.68 30.79
N ILE B 232 -5.17 -0.09 30.20
CA ILE B 232 -6.43 -0.77 30.26
C ILE B 232 -7.34 -0.58 29.07
N TYR B 233 -8.29 -1.49 29.06
CA TYR B 233 -9.30 -1.55 28.04
C TYR B 233 -10.58 -1.09 28.66
N HIS B 234 -11.03 0.10 28.34
CA HIS B 234 -12.20 0.54 29.03
C HIS B 234 -13.48 -0.12 28.60
N GLY B 235 -13.65 -0.28 27.30
CA GLY B 235 -14.90 -0.83 26.82
C GLY B 235 -15.33 -0.19 25.51
N THR B 236 -16.62 0.16 25.41
CA THR B 236 -17.14 0.70 24.17
C THR B 236 -18.07 1.89 24.36
N ASP B 237 -17.75 3.00 23.70
CA ASP B 237 -18.60 4.19 23.74
C ASP B 237 -19.85 3.83 22.99
N PRO B 238 -20.90 3.52 23.66
CA PRO B 238 -22.09 3.15 22.96
C PRO B 238 -22.41 4.12 21.84
N ASP B 239 -21.93 5.34 21.97
CA ASP B 239 -22.20 6.33 20.96
C ASP B 239 -21.53 5.97 19.67
N ASP B 240 -20.32 5.54 19.79
CA ASP B 240 -19.53 5.21 18.67
C ASP B 240 -19.91 3.80 18.10
N VAL B 241 -21.06 3.21 18.43
CA VAL B 241 -21.24 1.84 17.95
C VAL B 241 -21.74 1.58 16.55
N GLN B 242 -21.12 0.71 15.78
CA GLN B 242 -21.75 0.42 14.48
C GLN B 242 -21.58 -1.00 14.05
N PHE B 243 -22.66 -1.66 13.80
CA PHE B 243 -22.55 -3.04 13.46
C PHE B 243 -23.22 -3.37 12.15
N TYR B 244 -22.46 -3.73 11.17
CA TYR B 244 -23.14 -3.95 9.93
C TYR B 244 -23.22 -5.37 9.58
N THR B 245 -24.06 -5.69 8.62
CA THR B 245 -24.06 -7.04 8.12
C THR B 245 -24.31 -7.00 6.67
N ILE B 246 -23.74 -7.96 6.03
CA ILE B 246 -23.95 -7.99 4.64
C ILE B 246 -25.40 -8.15 4.43
N GLU B 247 -25.90 -9.16 5.06
CA GLU B 247 -27.26 -9.48 4.80
C GLU B 247 -28.19 -8.34 4.89
N ASN B 248 -27.87 -7.40 5.72
CA ASN B 248 -28.87 -6.39 5.81
C ASN B 248 -28.60 -5.26 4.91
N SER B 249 -27.51 -5.32 4.19
CA SER B 249 -27.20 -4.16 3.41
C SER B 249 -26.93 -4.34 1.96
N VAL B 250 -26.79 -5.56 1.51
CA VAL B 250 -26.54 -5.77 0.13
C VAL B 250 -27.40 -6.87 -0.39
N PRO B 251 -27.50 -6.94 -1.64
CA PRO B 251 -28.34 -7.96 -2.14
C PRO B 251 -27.43 -9.08 -2.47
N VAL B 252 -27.89 -10.25 -2.12
CA VAL B 252 -27.01 -11.32 -2.35
C VAL B 252 -27.44 -12.11 -3.51
N HIS B 253 -26.48 -12.42 -4.31
CA HIS B 253 -26.80 -13.25 -5.41
C HIS B 253 -26.39 -14.63 -5.12
N LEU B 254 -27.15 -15.57 -5.65
CA LEU B 254 -26.84 -16.96 -5.49
C LEU B 254 -26.47 -17.55 -6.81
N LEU B 255 -25.26 -18.01 -6.96
CA LEU B 255 -24.99 -18.60 -8.24
C LEU B 255 -24.93 -20.06 -8.12
N ARG B 256 -25.40 -20.79 -9.11
CA ARG B 256 -25.21 -22.22 -9.19
C ARG B 256 -24.18 -22.44 -10.27
N THR B 257 -23.85 -23.64 -10.64
CA THR B 257 -22.79 -23.73 -11.63
C THR B 257 -23.09 -22.94 -12.85
N GLY B 258 -24.32 -23.08 -13.29
CA GLY B 258 -24.71 -22.43 -14.52
C GLY B 258 -24.70 -20.93 -14.42
N ASP B 259 -24.75 -20.44 -13.22
CA ASP B 259 -24.82 -19.03 -13.08
C ASP B 259 -23.49 -18.38 -13.24
N GLU B 260 -23.51 -17.07 -13.35
CA GLU B 260 -22.31 -16.31 -13.49
C GLU B 260 -22.61 -14.89 -13.13
N PHE B 261 -21.65 -14.17 -12.69
CA PHE B 261 -21.98 -12.85 -12.25
C PHE B 261 -21.04 -11.85 -12.79
N ALA B 262 -21.47 -10.59 -12.85
CA ALA B 262 -20.56 -9.60 -13.40
C ALA B 262 -20.83 -8.18 -12.97
N THR B 263 -19.79 -7.43 -12.67
CA THR B 263 -20.09 -6.09 -12.20
C THR B 263 -20.10 -5.21 -13.37
N GLY B 264 -20.63 -4.05 -13.20
CA GLY B 264 -20.58 -3.22 -14.38
C GLY B 264 -19.14 -2.75 -14.67
N THR B 265 -19.01 -1.58 -15.21
CA THR B 265 -17.68 -1.05 -15.35
C THR B 265 -17.60 0.17 -14.49
N PHE B 266 -16.49 0.37 -13.82
CA PHE B 266 -16.47 1.54 -12.98
C PHE B 266 -15.43 2.52 -13.40
N PHE B 267 -15.77 3.78 -13.27
CA PHE B 267 -14.81 4.78 -13.67
C PHE B 267 -14.27 5.60 -12.54
N PHE B 268 -12.97 5.79 -12.57
CA PHE B 268 -12.35 6.51 -11.50
C PHE B 268 -12.26 8.00 -11.63
N ASP B 269 -12.41 8.66 -10.51
CA ASP B 269 -12.14 10.05 -10.57
C ASP B 269 -10.97 10.32 -9.68
N CYS B 270 -9.78 10.46 -10.25
CA CYS B 270 -8.62 10.78 -9.43
C CYS B 270 -7.43 11.26 -10.24
N LYS B 271 -6.57 12.05 -9.59
CA LYS B 271 -5.41 12.61 -10.24
C LYS B 271 -4.55 11.56 -10.84
N PRO B 272 -3.67 12.03 -11.67
CA PRO B 272 -2.73 11.23 -12.36
C PRO B 272 -1.55 11.04 -11.44
N CYS B 273 -0.66 10.16 -11.86
CA CYS B 273 0.47 9.81 -11.08
C CYS B 273 1.68 9.98 -11.94
N ARG B 274 2.76 10.52 -11.44
CA ARG B 274 3.80 10.73 -12.41
C ARG B 274 4.83 9.70 -12.36
N LEU B 275 5.58 9.61 -13.41
CA LEU B 275 6.56 8.60 -13.37
C LEU B 275 7.89 9.22 -13.46
N THR B 276 7.99 10.40 -12.96
CA THR B 276 9.29 11.00 -12.95
C THR B 276 9.51 11.46 -11.58
N HIS B 277 10.76 11.63 -11.24
CA HIS B 277 11.05 12.12 -9.93
C HIS B 277 11.81 13.40 -10.04
N THR B 278 11.76 14.15 -8.96
CA THR B 278 12.47 15.40 -8.92
C THR B 278 13.75 15.23 -8.15
N TRP B 279 14.64 16.19 -8.26
CA TRP B 279 15.86 16.05 -7.52
C TRP B 279 16.33 17.32 -6.94
N GLN B 280 15.89 18.45 -7.43
CA GLN B 280 16.40 19.66 -6.83
C GLN B 280 15.85 19.83 -5.45
N THR B 281 16.64 20.38 -4.55
CA THR B 281 16.25 20.69 -3.19
C THR B 281 16.39 22.17 -3.06
N ASN B 282 16.10 22.69 -1.88
CA ASN B 282 16.18 24.11 -1.83
C ASN B 282 17.45 24.64 -2.38
N ARG B 283 18.43 23.79 -2.39
CA ARG B 283 19.71 24.25 -2.83
C ARG B 283 19.84 24.41 -4.29
N ALA B 284 18.97 23.77 -5.02
CA ALA B 284 19.20 23.90 -6.44
C ALA B 284 18.15 24.71 -7.12
N LEU B 285 17.63 25.72 -6.46
CA LEU B 285 16.62 26.40 -7.16
C LEU B 285 17.11 27.69 -7.65
N GLY B 286 16.85 27.99 -8.90
CA GLY B 286 17.18 29.30 -9.39
C GLY B 286 18.54 29.42 -10.00
N LEU B 287 18.90 30.67 -10.23
CA LEU B 287 20.12 31.02 -10.86
C LEU B 287 21.29 30.83 -9.93
N PRO B 288 22.19 29.95 -10.27
CA PRO B 288 23.38 29.80 -9.51
C PRO B 288 24.18 31.08 -9.63
N PRO B 289 25.14 31.28 -8.76
CA PRO B 289 25.97 32.46 -8.70
C PRO B 289 26.97 32.48 -9.81
N PHE B 290 27.25 33.65 -10.32
CA PHE B 290 28.19 33.74 -11.40
C PHE B 290 29.60 33.58 -10.90
N LEU B 291 30.37 32.72 -11.53
CA LEU B 291 31.72 32.52 -11.07
C LEU B 291 32.67 33.41 -11.77
N ASN B 292 33.38 34.23 -11.02
CA ASN B 292 34.31 35.13 -11.63
C ASN B 292 35.56 34.44 -11.98
N SER B 293 35.67 33.23 -11.50
CA SER B 293 36.88 32.55 -11.80
C SER B 293 36.76 31.08 -12.12
N LEU B 294 37.18 30.71 -13.33
CA LEU B 294 37.09 29.34 -13.79
C LEU B 294 38.38 28.56 -13.79
N PRO B 295 38.23 27.26 -13.66
CA PRO B 295 39.35 26.34 -13.66
C PRO B 295 39.98 26.36 -15.01
N GLN B 296 41.22 25.88 -15.09
CA GLN B 296 41.89 25.91 -16.36
C GLN B 296 42.43 24.63 -16.85
N SER B 297 42.16 23.58 -16.10
CA SER B 297 42.59 22.25 -16.49
C SER B 297 41.68 21.22 -15.86
N GLU B 298 41.67 20.02 -16.44
CA GLU B 298 40.82 19.00 -15.88
C GLU B 298 41.28 18.59 -14.52
N GLY B 299 40.58 17.62 -13.95
CA GLY B 299 40.94 17.16 -12.63
C GLY B 299 39.87 17.50 -11.61
N ALA B 300 39.58 16.53 -10.75
CA ALA B 300 38.52 16.72 -9.80
C ALA B 300 38.92 17.51 -8.57
N THR B 301 39.78 18.48 -8.76
CA THR B 301 40.16 19.28 -7.64
C THR B 301 40.23 20.70 -8.09
N ASN B 302 40.00 20.86 -9.36
CA ASN B 302 40.04 22.19 -9.88
C ASN B 302 38.68 22.81 -9.84
N PHE B 303 38.41 23.42 -8.71
CA PHE B 303 37.13 24.02 -8.59
C PHE B 303 37.12 25.41 -9.19
N GLY B 304 35.91 25.90 -9.31
CA GLY B 304 35.75 27.24 -9.79
C GLY B 304 35.54 28.11 -8.57
N ASP B 305 35.65 29.41 -8.79
CA ASP B 305 35.46 30.30 -7.69
C ASP B 305 34.55 31.49 -8.00
N ILE B 306 33.63 31.67 -7.10
CA ILE B 306 32.76 32.81 -7.25
C ILE B 306 33.58 34.04 -7.36
N GLY B 307 34.42 34.18 -6.35
CA GLY B 307 35.37 35.26 -6.36
C GLY B 307 34.80 36.54 -5.79
N VAL B 308 34.00 36.40 -4.74
CA VAL B 308 33.50 37.59 -4.13
C VAL B 308 33.27 37.38 -2.67
N GLN B 309 33.62 38.38 -1.89
CA GLN B 309 33.47 38.18 -0.49
C GLN B 309 32.07 37.90 -0.12
N GLN B 310 31.92 36.85 0.64
CA GLN B 310 30.62 36.45 1.05
C GLN B 310 29.85 37.63 1.62
N ASP B 311 30.52 38.58 2.18
CA ASP B 311 29.72 39.63 2.74
C ASP B 311 29.68 40.81 1.80
N LYS B 312 29.95 40.54 0.55
CA LYS B 312 30.00 41.66 -0.36
C LYS B 312 29.22 41.43 -1.62
N ARG B 313 28.59 40.29 -1.66
CA ARG B 313 27.85 39.88 -2.84
C ARG B 313 26.50 40.55 -2.98
N ARG B 314 25.97 40.61 -4.19
CA ARG B 314 24.64 41.20 -4.40
C ARG B 314 23.59 40.11 -4.37
N GLY B 315 22.36 40.42 -4.01
CA GLY B 315 21.37 39.36 -3.98
C GLY B 315 20.37 39.48 -2.85
N VAL B 316 19.63 38.40 -2.58
CA VAL B 316 18.56 38.53 -1.62
C VAL B 316 18.46 37.47 -0.56
N THR B 317 18.19 37.91 0.65
CA THR B 317 17.94 36.92 1.65
C THR B 317 16.77 37.27 2.47
N GLN B 318 16.43 36.25 3.23
CA GLN B 318 15.33 36.39 4.13
C GLN B 318 15.83 36.72 5.52
N MET B 319 17.12 36.99 5.62
CA MET B 319 17.74 37.34 6.87
C MET B 319 18.08 38.82 6.98
N GLY B 320 17.36 39.56 7.81
CA GLY B 320 17.52 41.00 7.97
C GLY B 320 18.81 41.54 8.59
N ASN B 321 19.47 40.71 9.42
CA ASN B 321 20.71 41.07 10.12
C ASN B 321 21.94 41.03 9.29
N THR B 322 22.24 39.95 8.58
CA THR B 322 23.57 40.01 7.98
C THR B 322 23.68 40.58 6.62
N ASN B 323 24.90 40.44 6.20
CA ASN B 323 25.24 40.81 4.89
C ASN B 323 25.79 39.59 4.22
N TYR B 324 25.69 38.49 4.91
CA TYR B 324 26.23 37.30 4.29
C TYR B 324 25.30 36.75 3.26
N ILE B 325 25.86 36.26 2.19
CA ILE B 325 24.99 35.69 1.21
C ILE B 325 25.59 34.40 0.77
N THR B 326 25.04 33.30 1.24
CA THR B 326 25.68 32.09 0.78
C THR B 326 24.67 31.15 0.32
N GLU B 327 25.13 30.22 -0.49
CA GLU B 327 24.26 29.23 -1.01
C GLU B 327 23.33 28.72 0.04
N ALA B 328 23.70 28.84 1.28
CA ALA B 328 22.71 28.39 2.22
C ALA B 328 21.86 29.50 2.77
N THR B 329 22.33 30.72 2.60
CA THR B 329 21.61 31.84 3.13
C THR B 329 20.61 32.41 2.16
N ILE B 330 21.08 32.55 0.94
CA ILE B 330 20.32 33.10 -0.13
C ILE B 330 18.87 32.71 -0.12
N MET B 331 18.03 33.60 -0.54
CA MET B 331 16.63 33.28 -0.48
C MET B 331 16.14 32.36 -1.56
N ARG B 332 15.23 31.45 -1.20
CA ARG B 332 14.61 30.62 -2.21
C ARG B 332 13.12 30.91 -2.26
N PRO B 333 12.46 30.63 -3.36
CA PRO B 333 11.10 31.00 -3.49
C PRO B 333 10.22 30.34 -2.51
N ALA B 334 10.54 29.12 -2.12
CA ALA B 334 9.71 28.47 -1.13
C ALA B 334 10.36 27.27 -0.54
N GLU B 335 9.67 26.21 -0.12
CA GLU B 335 10.51 25.14 0.40
C GLU B 335 10.09 23.76 0.05
N VAL B 336 11.02 23.07 -0.55
CA VAL B 336 10.69 21.71 -0.87
C VAL B 336 10.86 20.86 0.35
N GLY B 337 9.95 19.94 0.56
CA GLY B 337 10.08 19.02 1.66
C GLY B 337 9.74 19.69 2.98
N TYR B 338 9.70 18.89 4.03
CA TYR B 338 9.47 19.42 5.35
C TYR B 338 10.03 18.45 6.33
N SER B 339 10.06 18.83 7.59
CA SER B 339 10.62 17.99 8.61
C SER B 339 9.61 17.76 9.69
N ALA B 340 9.63 16.54 10.18
CA ALA B 340 8.68 16.19 11.19
C ALA B 340 9.26 15.24 12.19
N PRO B 341 8.57 15.15 13.31
CA PRO B 341 8.95 14.36 14.42
C PRO B 341 9.04 12.90 14.10
N TYR B 342 9.91 12.23 14.85
CA TYR B 342 10.11 10.83 14.70
C TYR B 342 11.02 10.36 15.79
N TYR B 343 10.83 9.13 16.22
CA TYR B 343 9.74 8.33 15.77
C TYR B 343 8.55 8.77 16.58
N SER B 344 7.54 9.34 15.99
CA SER B 344 6.51 9.80 16.89
C SER B 344 5.31 8.92 17.05
N PHE B 345 4.93 8.78 18.28
CA PHE B 345 3.70 8.12 18.49
C PHE B 345 2.77 9.07 19.15
N GLU B 346 1.58 9.11 18.61
CA GLU B 346 0.59 9.96 19.19
C GLU B 346 -0.48 9.03 19.72
N ALA B 347 -1.36 9.59 20.52
CA ALA B 347 -2.44 8.77 21.02
C ALA B 347 -3.76 9.47 21.21
N SER B 348 -4.80 8.75 20.86
CA SER B 348 -6.14 9.24 21.03
C SER B 348 -6.96 8.18 21.71
N THR B 349 -8.24 8.33 21.59
CA THR B 349 -9.18 7.45 22.18
C THR B 349 -8.83 5.97 22.15
N GLN B 350 -8.12 5.53 21.14
CA GLN B 350 -8.01 4.11 21.10
C GLN B 350 -6.64 3.55 21.25
N GLY B 351 -5.72 4.36 21.71
CA GLY B 351 -4.38 3.83 21.81
C GLY B 351 -3.47 4.61 20.90
N PRO B 352 -2.20 4.34 21.04
CA PRO B 352 -1.19 5.08 20.35
C PRO B 352 -1.00 4.53 18.95
N PHE B 353 -0.26 5.32 18.17
CA PHE B 353 0.03 4.95 16.82
C PHE B 353 1.05 5.86 16.22
N LYS B 354 1.84 5.26 15.39
CA LYS B 354 2.89 6.03 14.78
C LYS B 354 2.40 7.16 13.89
N THR B 355 3.05 8.26 14.01
CA THR B 355 2.71 9.37 13.20
C THR B 355 3.34 9.25 11.84
N PRO B 356 2.58 9.31 10.81
CA PRO B 356 3.12 9.13 9.51
C PRO B 356 3.74 10.35 8.89
N ILE B 357 4.59 10.08 7.96
CA ILE B 357 5.30 11.07 7.20
C ILE B 357 4.97 10.92 5.75
N ALA B 358 5.31 11.91 4.96
CA ALA B 358 5.06 11.70 3.58
C ALA B 358 6.32 11.29 2.86
N ALA B 359 7.28 12.11 3.15
CA ALA B 359 8.52 12.11 2.44
C ALA B 359 9.40 10.87 2.40
N GLY B 360 9.79 10.34 3.55
CA GLY B 360 10.81 9.30 3.47
C GLY B 360 12.17 10.00 3.46
N ARG B 361 13.18 9.42 2.82
CA ARG B 361 14.46 10.10 2.87
C ARG B 361 15.27 9.92 1.62
N GLY B 362 16.05 8.83 1.67
CA GLY B 362 16.88 8.41 0.54
C GLY B 362 18.27 9.06 0.41
N GLY B 363 18.87 8.74 -0.76
CA GLY B 363 20.17 9.25 -1.18
C GLY B 363 21.42 8.40 -0.87
N ALA B 364 22.50 9.20 -0.89
CA ALA B 364 23.89 8.81 -0.72
C ALA B 364 24.22 8.47 0.72
N GLN B 365 23.60 9.23 1.62
CA GLN B 365 23.81 9.06 3.04
C GLN B 365 22.89 8.04 3.71
N THR B 366 22.39 7.06 2.94
CA THR B 366 21.50 6.03 3.47
C THR B 366 21.99 4.59 3.24
N ASP B 367 21.55 4.07 2.08
CA ASP B 367 21.90 2.74 1.59
C ASP B 367 21.22 1.60 2.35
N GLU B 368 19.91 1.82 2.60
CA GLU B 368 18.99 0.93 3.31
C GLU B 368 19.31 0.74 4.80
N ASN B 369 20.52 1.17 5.18
CA ASN B 369 21.00 1.00 6.55
C ASN B 369 20.76 2.25 7.38
N GLN B 370 20.82 3.36 6.66
CA GLN B 370 20.49 4.63 7.27
C GLN B 370 18.97 4.71 7.36
N ALA B 371 18.32 3.81 6.56
CA ALA B 371 16.87 3.63 6.42
C ALA B 371 16.09 4.06 7.66
N ALA B 372 15.26 5.08 7.43
CA ALA B 372 14.57 5.73 8.50
C ALA B 372 13.08 5.85 8.30
N ASP B 373 12.65 6.97 8.85
CA ASP B 373 11.29 7.35 8.85
C ASP B 373 10.91 7.83 7.49
N GLY B 374 9.74 7.37 7.05
CA GLY B 374 9.23 7.75 5.77
C GLY B 374 9.36 6.61 4.82
N ASN B 375 10.44 5.89 4.83
CA ASN B 375 10.48 4.79 3.90
C ASN B 375 9.57 3.72 4.34
N PRO B 376 8.87 3.15 3.42
CA PRO B 376 7.91 2.16 3.74
C PRO B 376 8.55 0.82 3.58
N ARG B 377 7.98 -0.12 4.28
CA ARG B 377 8.48 -1.46 4.28
C ARG B 377 7.37 -2.45 4.18
N TYR B 378 7.53 -3.29 3.19
CA TYR B 378 6.58 -4.32 2.85
C TYR B 378 7.08 -5.67 3.25
N ALA B 379 6.16 -6.53 3.69
CA ALA B 379 6.46 -7.90 4.11
C ALA B 379 5.45 -8.89 3.56
N PHE B 380 5.86 -10.03 3.07
CA PHE B 380 4.86 -10.86 2.46
C PHE B 380 5.21 -12.30 2.22
N GLY B 381 4.17 -13.02 1.79
CA GLY B 381 4.22 -14.47 1.53
C GLY B 381 4.49 -14.90 0.11
N ARG B 382 4.36 -16.20 -0.12
CA ARG B 382 4.63 -16.79 -1.42
C ARG B 382 3.67 -16.30 -2.49
N GLN B 383 2.41 -16.14 -2.09
CA GLN B 383 1.38 -15.67 -2.99
C GLN B 383 1.69 -14.28 -3.52
N HIS B 384 2.58 -13.59 -2.85
CA HIS B 384 2.81 -12.25 -3.27
C HIS B 384 4.23 -11.93 -3.55
N GLY B 385 5.04 -12.92 -3.89
CA GLY B 385 6.39 -12.52 -4.30
C GLY B 385 7.57 -13.31 -3.75
N GLN B 386 7.40 -13.78 -2.52
CA GLN B 386 8.41 -14.58 -1.87
C GLN B 386 8.58 -15.80 -2.73
N LYS B 387 9.79 -16.33 -2.71
CA LYS B 387 10.06 -17.47 -3.53
C LYS B 387 9.16 -18.64 -3.22
N THR B 388 8.54 -19.18 -4.23
CA THR B 388 7.58 -20.21 -3.98
C THR B 388 8.16 -21.45 -3.35
N THR B 389 9.36 -21.80 -3.75
CA THR B 389 9.91 -23.03 -3.27
C THR B 389 10.56 -22.87 -1.92
N THR B 390 10.94 -21.68 -1.57
CA THR B 390 11.57 -21.52 -0.28
C THR B 390 10.70 -21.99 0.86
N THR B 391 11.27 -22.79 1.76
CA THR B 391 10.49 -23.30 2.89
C THR B 391 10.66 -22.41 4.07
N GLY B 392 9.85 -22.65 5.07
CA GLY B 392 10.01 -21.86 6.27
C GLY B 392 9.18 -20.58 6.22
N GLU B 393 8.37 -20.44 7.24
CA GLU B 393 7.43 -19.37 7.29
C GLU B 393 7.92 -18.01 7.72
N THR B 394 9.06 -17.60 7.25
CA THR B 394 9.47 -16.25 7.56
C THR B 394 9.15 -15.42 6.34
N PRO B 395 8.63 -14.25 6.54
CA PRO B 395 8.23 -13.39 5.45
C PRO B 395 9.38 -12.72 4.79
N GLU B 396 9.23 -12.45 3.49
CA GLU B 396 10.22 -11.81 2.68
C GLU B 396 10.00 -10.34 2.78
N ARG B 397 11.02 -9.53 2.64
CA ARG B 397 10.73 -8.14 2.89
C ARG B 397 11.58 -7.20 2.12
N PHE B 398 11.26 -5.91 2.27
CA PHE B 398 12.07 -4.87 1.68
C PHE B 398 11.64 -3.50 2.06
N THR B 399 12.57 -2.59 1.85
CA THR B 399 12.22 -1.25 2.15
C THR B 399 12.33 -0.42 0.92
N TYR B 400 11.19 0.15 0.51
CA TYR B 400 11.19 0.92 -0.72
C TYR B 400 11.82 2.25 -0.47
N ILE B 401 12.73 2.56 -1.33
CA ILE B 401 13.41 3.81 -1.21
C ILE B 401 13.22 4.60 -2.47
N ALA B 402 12.32 5.55 -2.38
CA ALA B 402 12.00 6.37 -3.53
C ALA B 402 13.17 7.12 -4.15
N HIS B 403 13.05 7.43 -5.42
CA HIS B 403 14.11 8.14 -6.08
C HIS B 403 14.02 9.62 -5.83
N GLN B 404 12.83 10.07 -5.56
CA GLN B 404 12.66 11.50 -5.38
C GLN B 404 13.33 12.04 -4.14
N ASP B 405 14.28 12.94 -4.38
CA ASP B 405 15.10 13.51 -3.35
C ASP B 405 14.30 14.64 -2.63
N THR B 406 13.29 14.27 -1.81
CA THR B 406 12.47 15.28 -1.12
C THR B 406 12.44 15.13 0.39
N GLY B 407 13.19 14.13 0.90
CA GLY B 407 13.28 13.90 2.36
C GLY B 407 14.37 14.75 3.05
N ARG B 408 14.55 14.51 4.35
CA ARG B 408 15.52 15.25 5.14
C ARG B 408 16.61 14.40 5.74
N TYR B 409 17.76 15.04 6.02
CA TYR B 409 18.88 14.44 6.72
C TYR B 409 19.10 15.22 7.99
N PRO B 410 18.38 14.84 9.01
CA PRO B 410 18.36 15.53 10.26
C PRO B 410 19.72 15.87 10.79
N GLU B 411 20.63 14.93 10.71
CA GLU B 411 21.91 15.17 11.25
C GLU B 411 22.44 16.45 10.76
N GLY B 412 22.02 16.80 9.58
CA GLY B 412 22.56 18.01 8.99
C GLY B 412 21.89 19.26 9.50
N ASP B 413 20.77 19.09 10.19
CA ASP B 413 20.03 20.25 10.60
C ASP B 413 20.70 20.99 11.70
N TRP B 414 20.26 22.21 11.94
CA TRP B 414 20.72 22.93 13.10
C TRP B 414 19.97 24.19 13.33
N ILE B 415 20.13 24.79 14.49
CA ILE B 415 19.40 26.03 14.73
C ILE B 415 20.23 27.07 15.38
N GLN B 416 20.13 28.33 15.04
CA GLN B 416 20.96 29.22 15.81
C GLN B 416 20.36 30.51 16.23
N ASN B 417 21.02 31.16 17.14
CA ASN B 417 20.51 32.39 17.66
C ASN B 417 20.44 33.45 16.61
N ILE B 418 19.41 34.23 16.75
CA ILE B 418 19.13 35.31 15.85
C ILE B 418 20.27 36.28 15.65
N ASN B 419 21.08 36.48 16.64
CA ASN B 419 22.11 37.45 16.47
C ASN B 419 23.05 37.07 15.37
N PHE B 420 23.08 35.78 15.12
CA PHE B 420 23.86 35.27 14.02
C PHE B 420 25.27 35.81 14.00
N ASN B 421 25.96 35.69 15.12
CA ASN B 421 27.32 36.16 15.16
C ASN B 421 28.14 34.95 15.01
N LEU B 422 28.96 34.96 14.02
CA LEU B 422 29.71 33.76 13.82
C LEU B 422 31.14 33.96 13.39
N PRO B 423 31.90 32.88 13.33
CA PRO B 423 31.51 31.52 13.65
C PRO B 423 30.79 31.47 14.98
N VAL B 424 29.87 30.55 15.08
CA VAL B 424 28.99 30.51 16.21
C VAL B 424 29.51 29.79 17.44
N THR B 425 29.04 30.31 18.57
CA THR B 425 29.31 29.84 19.92
C THR B 425 28.39 28.71 20.28
N ASN B 426 28.86 27.83 21.15
CA ASN B 426 27.99 26.77 21.61
C ASN B 426 26.68 27.28 22.23
N ASP B 427 26.76 28.36 22.96
CA ASP B 427 25.59 28.86 23.68
C ASP B 427 24.47 29.30 22.77
N ASN B 428 24.86 29.63 21.54
CA ASN B 428 23.94 30.14 20.57
C ASN B 428 23.54 29.14 19.53
N VAL B 429 23.66 27.86 19.79
CA VAL B 429 23.24 26.98 18.75
C VAL B 429 22.79 25.66 19.28
N LEU B 430 21.75 25.12 18.67
CA LEU B 430 21.24 23.86 19.07
C LEU B 430 21.56 22.82 18.02
N LEU B 431 22.11 21.66 18.41
CA LEU B 431 22.46 20.67 17.43
C LEU B 431 21.68 19.43 17.58
N PRO B 432 21.84 18.61 16.57
CA PRO B 432 21.20 17.32 16.52
C PRO B 432 21.95 16.46 17.48
N THR B 433 23.02 17.06 17.96
CA THR B 433 23.84 16.40 18.90
C THR B 433 23.45 16.69 20.33
N ASP B 434 23.01 17.90 20.60
CA ASP B 434 22.65 18.17 21.95
C ASP B 434 21.37 17.55 22.30
N PRO B 435 21.38 17.09 23.50
CA PRO B 435 20.33 16.32 24.04
C PRO B 435 19.34 17.18 24.72
N ILE B 436 18.14 16.78 24.43
CA ILE B 436 16.95 17.44 24.85
C ILE B 436 16.37 16.74 26.03
N GLY B 437 15.67 17.51 26.84
CA GLY B 437 14.99 16.96 27.99
C GLY B 437 15.95 16.12 28.82
N GLY B 438 17.22 16.44 28.66
CA GLY B 438 18.20 15.68 29.38
C GLY B 438 18.27 14.23 28.91
N LYS B 439 17.58 13.88 27.84
CA LYS B 439 17.74 12.54 27.38
C LYS B 439 18.84 12.49 26.35
N THR B 440 19.75 11.56 26.52
CA THR B 440 20.87 11.49 25.61
C THR B 440 20.52 11.31 24.18
N GLY B 441 19.75 10.26 23.93
CA GLY B 441 19.38 9.79 22.61
C GLY B 441 18.23 10.52 21.95
N ILE B 442 18.14 11.81 22.21
CA ILE B 442 17.13 12.64 21.64
C ILE B 442 17.69 13.99 21.28
N ASN B 443 17.05 14.67 20.35
CA ASN B 443 17.43 16.01 20.00
C ASN B 443 16.29 16.69 19.34
N TYR B 444 16.43 17.98 19.13
CA TYR B 444 15.27 18.63 18.66
C TYR B 444 14.70 18.02 17.40
N THR B 445 15.59 17.57 16.57
CA THR B 445 15.02 16.99 15.41
C THR B 445 14.06 15.88 15.73
N ASN B 446 14.07 15.37 16.90
CA ASN B 446 13.03 14.39 16.97
C ASN B 446 11.67 14.96 17.16
N ILE B 447 11.55 16.20 17.58
CA ILE B 447 10.21 16.66 17.81
C ILE B 447 9.93 17.87 16.98
N PHE B 448 10.86 18.09 16.12
CA PHE B 448 10.77 19.22 15.23
C PHE B 448 9.69 19.09 14.17
N ASN B 449 9.30 20.25 13.64
CA ASN B 449 8.32 20.28 12.56
C ASN B 449 8.42 21.54 11.73
N THR B 450 8.56 21.39 10.43
CA THR B 450 8.72 22.56 9.63
C THR B 450 7.66 22.72 8.56
N TYR B 451 6.61 21.95 8.61
CA TYR B 451 5.59 22.09 7.62
C TYR B 451 5.04 23.48 7.71
N GLY B 452 4.60 24.03 6.60
CA GLY B 452 4.12 25.38 6.57
C GLY B 452 3.73 25.75 5.17
N PRO B 453 3.14 26.90 5.07
CA PRO B 453 2.61 27.37 3.85
C PRO B 453 3.61 27.37 2.75
N LEU B 454 4.85 27.20 3.07
CA LEU B 454 5.69 27.25 1.92
C LEU B 454 6.06 25.89 1.47
N THR B 455 5.63 24.96 2.23
CA THR B 455 6.06 23.65 1.89
C THR B 455 5.57 23.18 0.57
N ALA B 456 6.36 22.36 -0.12
CA ALA B 456 5.89 21.79 -1.37
C ALA B 456 6.38 20.37 -1.49
N LEU B 457 5.63 19.47 -2.11
CA LEU B 457 6.11 18.10 -2.20
C LEU B 457 5.26 17.24 -3.08
N ASN B 458 5.63 15.95 -3.14
CA ASN B 458 4.95 15.10 -4.06
C ASN B 458 4.27 13.96 -3.45
N ASN B 459 3.50 13.30 -4.25
CA ASN B 459 2.79 12.14 -3.82
C ASN B 459 3.73 10.99 -3.84
N VAL B 460 3.41 9.97 -3.07
CA VAL B 460 4.21 8.79 -3.06
C VAL B 460 4.18 8.19 -4.41
N PRO B 461 5.04 7.29 -4.65
CA PRO B 461 5.10 6.69 -5.92
C PRO B 461 4.61 5.33 -5.72
N PRO B 462 4.23 4.75 -6.77
CA PRO B 462 3.75 3.42 -6.72
C PRO B 462 4.87 2.48 -6.36
N VAL B 463 4.45 1.33 -5.88
CA VAL B 463 5.35 0.29 -5.49
C VAL B 463 4.98 -1.05 -6.06
N TYR B 464 5.74 -1.47 -7.00
CA TYR B 464 5.47 -2.72 -7.61
C TYR B 464 6.26 -3.77 -6.94
N PRO B 465 5.70 -4.89 -6.69
CA PRO B 465 4.37 -5.22 -7.04
C PRO B 465 3.56 -5.22 -5.80
N ASN B 466 4.11 -4.83 -4.71
CA ASN B 466 3.27 -5.01 -3.56
C ASN B 466 2.44 -3.85 -3.14
N GLY B 467 2.49 -2.74 -3.89
CA GLY B 467 1.74 -1.55 -3.54
C GLY B 467 0.23 -1.61 -3.83
N GLN B 468 -0.50 -0.88 -3.01
CA GLN B 468 -1.93 -0.79 -3.21
C GLN B 468 -2.08 0.13 -4.35
N ILE B 469 -3.20 0.04 -5.03
CA ILE B 469 -3.26 0.86 -6.19
C ILE B 469 -4.11 2.04 -6.00
N TRP B 470 -5.33 1.81 -5.61
CA TRP B 470 -6.10 2.99 -5.35
C TRP B 470 -6.65 2.93 -3.97
N ASP B 471 -7.12 4.04 -3.42
CA ASP B 471 -7.64 4.01 -2.07
C ASP B 471 -8.80 4.95 -1.88
N LYS B 472 -9.62 4.70 -0.87
CA LYS B 472 -10.77 5.54 -0.60
C LYS B 472 -10.38 6.78 0.14
N GLU B 473 -11.13 7.85 0.01
CA GLU B 473 -10.77 9.04 0.73
C GLU B 473 -11.53 9.13 2.01
N PHE B 474 -11.03 9.85 2.99
CA PHE B 474 -11.64 9.92 4.29
C PHE B 474 -12.88 10.74 4.30
N ASP B 475 -13.81 10.37 5.12
CA ASP B 475 -14.97 11.19 5.13
C ASP B 475 -14.89 12.25 6.18
N THR B 476 -13.83 13.03 6.17
CA THR B 476 -13.79 14.08 7.13
C THR B 476 -14.10 15.35 6.45
N ASP B 477 -14.33 16.37 7.19
CA ASP B 477 -14.62 17.55 6.49
C ASP B 477 -13.40 18.03 5.83
N LEU B 478 -12.29 17.95 6.50
CA LEU B 478 -11.11 18.42 5.82
C LEU B 478 -10.29 17.25 5.50
N LYS B 479 -9.40 17.35 4.52
CA LYS B 479 -8.71 16.17 4.05
C LYS B 479 -7.25 16.23 3.78
N PRO B 480 -6.65 15.08 3.84
CA PRO B 480 -5.26 14.86 3.59
C PRO B 480 -4.94 15.32 2.22
N ARG B 481 -3.71 15.65 2.01
CA ARG B 481 -3.40 16.06 0.71
C ARG B 481 -2.92 14.90 -0.06
N LEU B 482 -2.83 13.80 0.66
CA LEU B 482 -2.42 12.58 0.00
C LEU B 482 -2.44 11.44 0.95
N HIS B 483 -2.28 10.24 0.46
CA HIS B 483 -2.29 9.11 1.35
C HIS B 483 -0.96 8.51 1.16
N VAL B 484 -0.52 7.65 2.07
CA VAL B 484 0.79 7.13 1.89
C VAL B 484 0.76 5.73 1.41
N ASN B 485 -0.41 5.18 1.33
CA ASN B 485 -0.44 3.80 0.98
C ASN B 485 -0.64 3.54 -0.48
N ALA B 486 -1.16 4.52 -1.21
CA ALA B 486 -1.41 4.36 -2.63
C ALA B 486 -1.37 5.70 -3.33
N PRO B 487 -1.16 5.68 -4.61
CA PRO B 487 -0.99 6.91 -5.31
C PRO B 487 -2.30 7.40 -5.82
N PHE B 488 -3.21 6.49 -6.01
CA PHE B 488 -4.47 6.97 -6.52
C PHE B 488 -5.52 6.97 -5.46
N VAL B 489 -6.01 8.15 -5.11
CA VAL B 489 -7.09 8.25 -4.15
C VAL B 489 -8.35 8.69 -4.82
N CYS B 490 -9.39 7.89 -4.79
CA CYS B 490 -10.57 8.35 -5.47
C CYS B 490 -11.29 9.41 -4.73
N GLN B 491 -11.51 10.49 -5.48
CA GLN B 491 -12.19 11.71 -5.07
C GLN B 491 -13.64 11.42 -4.67
N ASN B 492 -14.34 10.75 -5.57
CA ASN B 492 -15.73 10.44 -5.28
C ASN B 492 -15.81 9.12 -4.58
N ASN B 493 -16.75 8.32 -5.04
CA ASN B 493 -16.87 6.99 -4.47
C ASN B 493 -15.82 6.01 -5.00
N CYS B 494 -15.42 4.99 -4.24
CA CYS B 494 -14.57 4.00 -4.85
C CYS B 494 -15.30 2.73 -5.14
N PRO B 495 -14.81 1.91 -6.00
CA PRO B 495 -15.53 0.73 -6.33
C PRO B 495 -15.79 -0.11 -5.12
N GLY B 496 -17.04 -0.53 -4.97
CA GLY B 496 -17.50 -1.32 -3.84
C GLY B 496 -16.81 -2.66 -3.68
N GLN B 497 -16.74 -3.11 -2.43
CA GLN B 497 -16.08 -4.33 -2.17
C GLN B 497 -16.82 -5.56 -2.61
N LEU B 498 -16.10 -6.62 -2.84
CA LEU B 498 -16.78 -7.78 -3.33
C LEU B 498 -16.72 -8.93 -2.37
N PHE B 499 -17.86 -9.36 -1.89
CA PHE B 499 -17.77 -10.48 -1.01
C PHE B 499 -18.44 -11.68 -1.50
N VAL B 500 -17.90 -12.76 -0.98
CA VAL B 500 -18.48 -14.01 -1.31
C VAL B 500 -18.46 -14.91 -0.16
N LYS B 501 -19.14 -16.00 -0.40
CA LYS B 501 -19.29 -16.95 0.66
C LYS B 501 -20.10 -18.13 0.26
N VAL B 502 -19.74 -19.25 0.83
CA VAL B 502 -20.49 -20.44 0.51
C VAL B 502 -21.83 -20.52 1.19
N ALA B 503 -22.81 -20.92 0.44
CA ALA B 503 -24.11 -21.00 1.05
C ALA B 503 -24.16 -22.23 1.89
N PRO B 504 -24.76 -22.10 3.04
CA PRO B 504 -24.88 -23.19 3.97
C PRO B 504 -25.53 -24.35 3.33
N ASN B 505 -24.94 -25.50 3.46
CA ASN B 505 -25.50 -26.71 2.92
C ASN B 505 -25.85 -27.64 4.07
N LEU B 506 -27.11 -27.82 4.36
CA LEU B 506 -27.42 -28.56 5.56
C LEU B 506 -27.62 -30.01 5.42
N THR B 507 -27.56 -30.67 6.57
CA THR B 507 -27.82 -32.08 6.68
C THR B 507 -29.29 -32.23 6.88
N ASN B 508 -29.75 -33.42 7.19
CA ASN B 508 -31.17 -33.51 7.37
C ASN B 508 -31.55 -33.16 8.76
N GLU B 509 -30.59 -33.05 9.61
CA GLU B 509 -30.97 -32.69 10.92
C GLU B 509 -30.71 -31.22 11.16
N TYR B 510 -31.71 -30.50 11.62
CA TYR B 510 -31.43 -29.13 11.93
C TYR B 510 -32.42 -28.58 12.88
N ASP B 511 -31.94 -27.98 13.92
CA ASP B 511 -32.90 -27.47 14.83
C ASP B 511 -32.44 -26.14 15.21
N PRO B 512 -33.02 -25.19 14.58
CA PRO B 512 -32.63 -23.84 14.83
C PRO B 512 -32.99 -23.52 16.24
N ASP B 513 -33.91 -24.26 16.78
CA ASP B 513 -34.33 -23.91 18.12
C ASP B 513 -33.29 -24.30 19.11
N ALA B 514 -32.40 -25.15 18.67
CA ALA B 514 -31.35 -25.65 19.52
C ALA B 514 -30.19 -24.69 19.67
N SER B 515 -29.46 -24.85 20.75
CA SER B 515 -28.35 -23.96 21.03
C SER B 515 -27.06 -24.33 20.32
N ALA B 516 -26.95 -25.60 20.03
CA ALA B 516 -25.75 -26.09 19.38
C ALA B 516 -25.51 -25.47 18.02
N ASN B 517 -24.27 -25.58 17.56
CA ASN B 517 -23.97 -25.08 16.25
C ASN B 517 -24.49 -26.02 15.20
N MET B 518 -24.93 -25.48 14.09
CA MET B 518 -25.48 -26.40 13.14
C MET B 518 -24.44 -27.14 12.37
N SER B 519 -24.80 -28.32 12.01
CA SER B 519 -23.89 -29.11 11.27
C SER B 519 -24.24 -28.94 9.81
N ARG B 520 -23.19 -28.92 9.03
CA ARG B 520 -23.38 -28.74 7.64
C ARG B 520 -22.64 -29.77 6.90
N ILE B 521 -23.01 -29.90 5.66
CA ILE B 521 -22.26 -30.79 4.85
C ILE B 521 -20.97 -30.14 4.55
N VAL B 522 -19.94 -30.92 4.45
CA VAL B 522 -18.71 -30.24 4.17
C VAL B 522 -18.79 -29.79 2.75
N THR B 523 -18.66 -28.49 2.59
CA THR B 523 -18.78 -28.01 1.25
C THR B 523 -17.75 -26.99 0.92
N TYR B 524 -17.40 -26.96 -0.34
CA TYR B 524 -16.50 -25.93 -0.75
C TYR B 524 -16.66 -25.59 -2.20
N SER B 525 -16.02 -24.47 -2.59
CA SER B 525 -16.18 -24.04 -3.95
C SER B 525 -14.98 -23.48 -4.66
N ASP B 526 -15.09 -23.55 -5.98
CA ASP B 526 -14.07 -23.00 -6.82
C ASP B 526 -14.67 -22.18 -7.89
N PHE B 527 -14.05 -21.05 -8.23
CA PHE B 527 -14.55 -20.31 -9.34
C PHE B 527 -13.52 -19.42 -9.96
N TRP B 528 -13.71 -19.06 -11.21
CA TRP B 528 -12.74 -18.17 -11.79
C TRP B 528 -13.19 -16.76 -11.69
N TRP B 529 -12.20 -15.92 -11.60
CA TRP B 529 -12.46 -14.53 -11.46
C TRP B 529 -11.66 -13.78 -12.46
N LYS B 530 -12.27 -12.85 -13.11
CA LYS B 530 -11.49 -12.17 -14.07
C LYS B 530 -11.75 -10.71 -13.97
N GLY B 531 -10.69 -9.95 -14.08
CA GLY B 531 -10.88 -8.53 -14.00
C GLY B 531 -10.20 -7.76 -15.13
N LYS B 532 -10.58 -6.50 -15.24
CA LYS B 532 -10.01 -5.64 -16.22
C LYS B 532 -9.80 -4.29 -15.63
N LEU B 533 -8.59 -3.85 -15.76
CA LEU B 533 -8.31 -2.58 -15.18
C LEU B 533 -7.67 -1.72 -16.20
N VAL B 534 -8.12 -0.50 -16.33
CA VAL B 534 -7.62 0.30 -17.41
C VAL B 534 -6.91 1.56 -17.04
N PHE B 535 -5.77 1.79 -17.63
CA PHE B 535 -5.10 3.01 -17.33
C PHE B 535 -4.91 3.72 -18.60
N LYS B 536 -4.48 4.91 -18.47
CA LYS B 536 -4.18 5.64 -19.65
C LYS B 536 -2.91 6.37 -19.40
N ALA B 537 -1.98 6.28 -20.28
CA ALA B 537 -0.76 6.95 -19.96
C ALA B 537 -0.21 7.72 -21.10
N LYS B 538 0.94 8.31 -20.86
CA LYS B 538 1.55 9.14 -21.86
C LYS B 538 3.03 8.94 -22.08
N LEU B 539 3.40 8.76 -23.33
CA LEU B 539 4.79 8.51 -23.65
C LEU B 539 5.63 9.65 -23.30
N ARG B 540 6.85 9.33 -22.97
CA ARG B 540 7.75 10.39 -22.60
C ARG B 540 8.60 10.71 -23.77
N ALA B 541 9.37 11.76 -23.67
CA ALA B 541 10.27 12.11 -24.76
C ALA B 541 11.62 12.64 -24.28
N SER B 542 12.71 12.40 -25.03
CA SER B 542 14.05 12.86 -24.62
C SER B 542 14.19 14.36 -24.56
N HIS B 543 14.82 14.86 -23.52
CA HIS B 543 14.96 16.31 -23.50
C HIS B 543 16.35 16.79 -23.23
N THR B 544 17.12 15.95 -22.55
CA THR B 544 18.48 16.26 -22.21
C THR B 544 19.40 15.52 -23.09
N TRP B 545 20.63 15.90 -22.96
CA TRP B 545 21.56 15.34 -23.87
C TRP B 545 21.99 13.99 -23.47
N ASN B 546 22.08 13.87 -22.18
CA ASN B 546 22.49 12.62 -21.64
C ASN B 546 21.30 11.78 -21.56
N PRO B 547 21.52 10.52 -21.66
CA PRO B 547 20.52 9.51 -21.52
C PRO B 547 20.13 9.47 -20.10
N ILE B 548 19.13 8.68 -19.78
CA ILE B 548 18.74 8.59 -18.41
C ILE B 548 18.66 7.19 -17.91
N GLN B 549 18.23 7.09 -16.66
CA GLN B 549 18.14 5.81 -16.03
C GLN B 549 17.03 5.00 -16.62
N GLN B 550 17.18 3.71 -16.64
CA GLN B 550 16.13 2.89 -17.18
C GLN B 550 16.26 1.54 -16.55
N MET B 551 15.14 0.92 -16.25
CA MET B 551 15.17 -0.39 -15.67
C MET B 551 15.66 -1.36 -16.70
N SER B 552 16.42 -2.38 -16.31
CA SER B 552 16.93 -3.34 -17.32
C SER B 552 17.43 -4.62 -16.72
N ILE B 553 17.55 -5.66 -17.50
CA ILE B 553 17.97 -6.89 -16.91
C ILE B 553 19.46 -7.07 -17.04
N ASN B 554 20.04 -7.95 -16.24
CA ASN B 554 21.47 -8.14 -16.36
C ASN B 554 21.88 -9.39 -15.68
N VAL B 555 23.14 -9.67 -15.73
CA VAL B 555 23.56 -10.89 -15.13
C VAL B 555 23.21 -10.93 -13.71
N ASP B 556 23.14 -9.80 -13.08
CA ASP B 556 22.90 -9.97 -11.70
C ASP B 556 21.51 -10.31 -11.39
N ASN B 557 20.56 -9.70 -12.02
CA ASN B 557 19.21 -10.01 -11.58
C ASN B 557 18.49 -11.02 -12.40
N GLN B 558 19.11 -11.26 -13.50
CA GLN B 558 18.61 -12.16 -14.44
C GLN B 558 17.82 -13.31 -13.87
N PHE B 559 18.12 -13.78 -12.71
CA PHE B 559 17.38 -14.96 -12.40
C PHE B 559 16.16 -14.67 -11.65
N ASN B 560 16.00 -13.41 -11.43
CA ASN B 560 14.88 -13.15 -10.64
C ASN B 560 13.67 -13.23 -11.50
N TYR B 561 13.90 -13.25 -12.76
CA TYR B 561 12.75 -13.18 -13.57
C TYR B 561 12.42 -14.48 -14.23
N VAL B 562 12.87 -15.56 -13.68
CA VAL B 562 12.58 -16.78 -14.36
C VAL B 562 12.39 -17.87 -13.35
N PRO B 563 11.63 -18.85 -13.70
CA PRO B 563 11.44 -19.97 -12.81
C PRO B 563 12.67 -20.83 -12.68
N SER B 564 12.71 -21.50 -11.54
CA SER B 564 13.75 -22.44 -11.19
C SER B 564 13.43 -23.75 -11.84
N ASN B 565 14.39 -24.64 -11.85
CA ASN B 565 14.15 -25.94 -12.43
C ASN B 565 13.06 -26.66 -11.71
N ILE B 566 12.48 -26.03 -10.75
CA ILE B 566 11.46 -26.74 -10.06
C ILE B 566 10.15 -26.06 -10.27
N GLY B 567 10.23 -24.80 -10.65
CA GLY B 567 9.02 -24.02 -10.81
C GLY B 567 9.02 -22.96 -9.74
N GLY B 568 10.22 -22.70 -9.28
CA GLY B 568 10.31 -21.70 -8.27
C GLY B 568 10.07 -20.38 -8.95
N MET B 569 9.26 -19.55 -8.32
CA MET B 569 9.01 -18.27 -8.90
C MET B 569 9.14 -17.22 -7.85
N LYS B 570 9.37 -16.01 -8.28
CA LYS B 570 9.36 -14.93 -7.33
C LYS B 570 9.23 -13.59 -7.99
N ILE B 571 8.76 -12.60 -7.26
CA ILE B 571 8.64 -11.32 -7.88
C ILE B 571 9.35 -10.28 -7.05
N VAL B 572 10.39 -9.76 -7.57
CA VAL B 572 11.13 -8.79 -6.81
C VAL B 572 10.55 -7.43 -6.94
N TYR B 573 10.80 -6.60 -5.99
CA TYR B 573 10.29 -5.29 -6.17
C TYR B 573 11.07 -4.43 -7.13
N GLU B 574 10.39 -3.45 -7.72
CA GLU B 574 11.04 -2.54 -8.62
C GLU B 574 10.64 -1.12 -8.38
N LYS B 575 11.46 -0.23 -8.88
CA LYS B 575 11.15 1.17 -8.69
C LYS B 575 10.15 1.71 -9.68
N SER B 576 9.75 2.96 -9.47
CA SER B 576 8.80 3.52 -10.38
C SER B 576 9.17 4.86 -10.98
N GLN B 577 9.55 5.87 -10.21
CA GLN B 577 9.78 7.12 -10.91
C GLN B 577 11.21 7.26 -11.35
N LEU B 578 11.57 6.61 -12.41
CA LEU B 578 12.95 6.68 -12.74
C LEU B 578 13.46 7.97 -13.22
N ALA B 579 12.81 8.56 -14.20
CA ALA B 579 13.44 9.70 -14.76
C ALA B 579 13.20 10.92 -13.95
N PRO B 580 14.06 11.84 -14.18
CA PRO B 580 14.09 13.10 -13.54
C PRO B 580 13.17 14.06 -14.23
N ARG B 581 12.92 15.20 -13.57
CA ARG B 581 12.16 16.25 -14.16
C ARG B 581 12.51 17.54 -13.49
N LYS B 582 12.47 18.66 -14.20
CA LYS B 582 12.79 19.87 -13.47
C LYS B 582 11.80 20.06 -12.38
N LEU B 583 12.22 20.76 -11.37
CA LEU B 583 11.24 21.04 -10.40
C LEU B 583 10.96 22.50 -10.59
N TYR B 584 11.99 23.14 -11.09
CA TYR B 584 11.92 24.56 -11.26
C TYR B 584 13.13 25.05 -12.02
#